data_3IUS
#
_entry.id   3IUS
#
_cell.length_a   57.736
_cell.length_b   81.648
_cell.length_c   58.655
_cell.angle_alpha   90.00
_cell.angle_beta   94.65
_cell.angle_gamma   90.00
#
_symmetry.space_group_name_H-M   'P 1 21 1'
#
loop_
_entity.id
_entity.type
_entity.pdbx_description
1 polymer 'uncharacterized conserved protein'
2 non-polymer 'FORMIC ACID'
3 non-polymer 1,2-ETHANEDIOL
4 water water
#
_entity_poly.entity_id   1
_entity_poly.type   'polypeptide(L)'
_entity_poly.pdbx_seq_one_letter_code
;SNA(MSE)TGTLLSFGHGYTARVLSRALAPQGWRIIGTSRNPDQ(MSE)EAIRASGAEPLLWPGEEPSLDGVTHLLISTA
PDSGGDPVLAALGDQIAARAAQFRWVGYLSTTAVYGDHDGAWVDETTPLTPTAARGRWRV(MSE)AEQQWQAVPNLPLHV
FRLAGIYGPGRGPFSKLGKGGIRRIIKPGQVFSRIHVEDIAQVLAAS(MSE)ARPDPGAVYNVCDDEPVPPQDVIAYAAE
LQGLPLPPAVDFDKADLTP(MSE)ARSFYSENKRVRNDRIKEELGVRLKYPNYRVGLEALQADAET
;
_entity_poly.pdbx_strand_id   A,B
#
loop_
_chem_comp.id
_chem_comp.type
_chem_comp.name
_chem_comp.formula
EDO non-polymer 1,2-ETHANEDIOL 'C2 H6 O2'
FMT non-polymer 'FORMIC ACID' 'C H2 O2'
#
# COMPACT_ATOMS: atom_id res chain seq x y z
N THR A 5 -6.93 -24.43 21.08
CA THR A 5 -7.02 -23.02 21.37
C THR A 5 -5.62 -22.42 21.52
N GLY A 6 -5.51 -21.34 22.29
CA GLY A 6 -4.22 -20.72 22.53
C GLY A 6 -4.26 -19.59 23.54
N THR A 7 -3.21 -18.78 23.52
CA THR A 7 -3.07 -17.64 24.43
C THR A 7 -2.91 -16.34 23.65
N LEU A 8 -3.89 -15.45 23.81
CA LEU A 8 -3.90 -14.20 23.07
C LEU A 8 -3.55 -13.02 23.97
N LEU A 9 -2.57 -12.24 23.54
CA LEU A 9 -2.24 -10.97 24.20
C LEU A 9 -2.80 -9.82 23.37
N SER A 10 -3.66 -9.03 23.99
CA SER A 10 -4.40 -7.98 23.29
C SER A 10 -3.99 -6.62 23.84
N PHE A 11 -3.25 -5.85 23.04
CA PHE A 11 -2.79 -4.53 23.44
C PHE A 11 -3.89 -3.51 23.20
N GLY A 12 -4.22 -2.73 24.22
CA GLY A 12 -5.31 -1.79 24.11
C GLY A 12 -6.61 -2.54 23.95
N HIS A 13 -6.86 -3.46 24.89
CA HIS A 13 -8.06 -4.30 24.89
C HIS A 13 -9.29 -3.46 25.16
N GLY A 14 -9.85 -2.86 24.11
CA GLY A 14 -10.99 -1.97 24.24
C GLY A 14 -12.28 -2.53 23.68
N TYR A 15 -13.11 -1.63 23.17
CA TYR A 15 -14.45 -1.97 22.70
C TYR A 15 -14.48 -3.20 21.79
N THR A 16 -13.68 -3.18 20.74
CA THR A 16 -13.65 -4.26 19.75
C THR A 16 -13.06 -5.55 20.32
N ALA A 17 -11.88 -5.47 20.92
CA ALA A 17 -11.20 -6.65 21.44
C ALA A 17 -12.01 -7.37 22.53
N ARG A 18 -12.80 -6.60 23.29
CA ARG A 18 -13.64 -7.19 24.34
C ARG A 18 -14.76 -8.06 23.80
N VAL A 19 -15.33 -7.70 22.65
CA VAL A 19 -16.35 -8.54 22.04
CA VAL A 19 -16.34 -8.52 22.01
C VAL A 19 -15.72 -9.85 21.59
N LEU A 20 -14.50 -9.78 21.06
CA LEU A 20 -13.78 -10.98 20.66
C LEU A 20 -13.49 -11.85 21.87
N SER A 21 -12.95 -11.25 22.92
CA SER A 21 -12.60 -12.02 24.12
C SER A 21 -13.81 -12.70 24.79
N ARG A 22 -14.96 -12.04 24.79
CA ARG A 22 -16.15 -12.64 25.36
CA ARG A 22 -16.17 -12.63 25.34
C ARG A 22 -16.59 -13.86 24.57
N ALA A 23 -16.20 -13.92 23.30
CA ALA A 23 -16.52 -15.04 22.42
C ALA A 23 -15.47 -16.14 22.52
N LEU A 24 -14.21 -15.74 22.71
CA LEU A 24 -13.11 -16.71 22.76
C LEU A 24 -12.95 -17.39 24.12
N ALA A 25 -13.13 -16.62 25.18
CA ALA A 25 -12.92 -17.13 26.54
C ALA A 25 -13.68 -18.43 26.84
N PRO A 26 -14.97 -18.49 26.48
CA PRO A 26 -15.76 -19.70 26.74
C PRO A 26 -15.28 -20.88 25.92
N GLN A 27 -14.51 -20.64 24.88
CA GLN A 27 -13.99 -21.71 24.02
C GLN A 27 -12.70 -22.30 24.54
N GLY A 28 -12.21 -21.77 25.66
CA GLY A 28 -11.03 -22.31 26.30
C GLY A 28 -9.78 -21.46 26.13
N TRP A 29 -9.92 -20.35 25.41
CA TRP A 29 -8.81 -19.43 25.19
C TRP A 29 -8.40 -18.72 26.47
N ARG A 30 -7.10 -18.45 26.60
CA ARG A 30 -6.62 -17.54 27.62
C ARG A 30 -6.36 -16.19 26.96
N ILE A 31 -6.99 -15.14 27.47
CA ILE A 31 -6.78 -13.79 26.94
C ILE A 31 -6.19 -12.86 27.99
N ILE A 32 -5.20 -12.08 27.56
CA ILE A 32 -4.57 -11.06 28.39
C ILE A 32 -4.76 -9.70 27.71
N GLY A 33 -5.41 -8.77 28.40
CA GLY A 33 -5.71 -7.48 27.78
C GLY A 33 -5.07 -6.32 28.52
N THR A 34 -4.49 -5.39 27.77
CA THR A 34 -3.83 -4.23 28.38
C THR A 34 -4.65 -2.95 28.20
N SER A 35 -4.44 -2.02 29.12
CA SER A 35 -4.98 -0.68 29.00
C SER A 35 -4.03 0.29 29.69
N ARG A 36 -3.99 1.52 29.21
CA ARG A 36 -3.20 2.53 29.90
C ARG A 36 -4.06 3.24 30.93
N ASN A 37 -5.35 2.93 30.91
CA ASN A 37 -6.29 3.53 31.86
C ASN A 37 -6.57 2.58 33.02
N PRO A 38 -6.06 2.92 34.22
CA PRO A 38 -6.22 2.07 35.40
C PRO A 38 -7.68 1.80 35.77
N ASP A 39 -8.61 2.65 35.32
CA ASP A 39 -10.02 2.47 35.67
C ASP A 39 -10.72 1.50 34.72
N GLN A 40 -9.96 0.89 33.82
CA GLN A 40 -10.50 -0.04 32.85
C GLN A 40 -10.18 -1.49 33.18
N MSE A 41 -9.46 -1.71 34.27
CA MSE A 41 -9.05 -3.06 34.66
C MSE A 41 -10.28 -3.94 34.86
O MSE A 41 -10.32 -5.09 34.43
CB MSE A 41 -8.20 -3.02 35.93
CG MSE A 41 -6.94 -2.17 35.82
SE MSE A 41 -5.60 -2.91 34.58
CE MSE A 41 -6.13 -1.95 32.97
N GLU A 42 -11.30 -3.37 35.50
CA GLU A 42 -12.56 -4.05 35.78
C GLU A 42 -13.24 -4.52 34.51
N ALA A 43 -13.43 -3.60 33.57
CA ALA A 43 -14.09 -3.88 32.31
C ALA A 43 -13.35 -4.94 31.51
N ILE A 44 -12.02 -4.90 31.55
CA ILE A 44 -11.21 -5.89 30.86
C ILE A 44 -11.43 -7.28 31.46
N ARG A 45 -11.40 -7.36 32.78
CA ARG A 45 -11.63 -8.64 33.46
C ARG A 45 -12.99 -9.22 33.09
N ALA A 46 -14.03 -8.38 33.15
CA ALA A 46 -15.38 -8.80 32.80
C ALA A 46 -15.52 -9.33 31.37
N SER A 47 -14.63 -8.88 30.49
CA SER A 47 -14.66 -9.29 29.09
C SER A 47 -13.95 -10.62 28.92
N GLY A 48 -13.49 -11.19 30.03
CA GLY A 48 -12.88 -12.51 30.01
C GLY A 48 -11.37 -12.52 29.85
N ALA A 49 -10.75 -11.35 29.98
CA ALA A 49 -9.31 -11.23 29.84
C ALA A 49 -8.64 -10.86 31.16
N GLU A 50 -7.41 -11.32 31.35
CA GLU A 50 -6.57 -10.90 32.48
C GLU A 50 -6.05 -9.49 32.24
N PRO A 51 -6.43 -8.55 33.11
CA PRO A 51 -6.11 -7.12 32.90
C PRO A 51 -4.65 -6.80 33.24
N LEU A 52 -4.00 -6.05 32.34
CA LEU A 52 -2.65 -5.55 32.58
C LEU A 52 -2.63 -4.05 32.38
N LEU A 53 -1.94 -3.35 33.28
CA LEU A 53 -1.75 -1.92 33.15
C LEU A 53 -0.50 -1.66 32.30
N TRP A 54 -0.67 -0.93 31.20
CA TRP A 54 0.45 -0.61 30.31
C TRP A 54 0.16 0.66 29.51
N PRO A 55 1.10 1.64 29.53
CA PRO A 55 2.44 1.69 30.12
C PRO A 55 2.54 1.33 31.59
N GLY A 56 3.66 0.71 31.94
CA GLY A 56 3.92 0.28 33.31
C GLY A 56 4.97 -0.81 33.22
N GLU A 57 4.67 -1.97 33.80
CA GLU A 57 5.54 -3.11 33.63
C GLU A 57 5.38 -3.65 32.22
N GLU A 58 6.45 -4.22 31.68
CA GLU A 58 6.41 -4.79 30.35
C GLU A 58 5.55 -6.06 30.38
N PRO A 59 4.54 -6.13 29.50
CA PRO A 59 3.73 -7.35 29.40
C PRO A 59 4.60 -8.52 28.96
N SER A 60 4.40 -9.68 29.58
CA SER A 60 5.19 -10.86 29.23
C SER A 60 4.70 -11.52 27.94
N LEU A 61 5.63 -12.04 27.15
CA LEU A 61 5.29 -12.71 25.91
C LEU A 61 5.38 -14.22 26.06
N ASP A 62 5.73 -14.67 27.26
CA ASP A 62 5.84 -16.10 27.50
C ASP A 62 4.50 -16.81 27.33
N GLY A 63 4.52 -17.87 26.53
CA GLY A 63 3.32 -18.65 26.28
C GLY A 63 2.30 -18.01 25.38
N VAL A 64 2.61 -16.83 24.86
CA VAL A 64 1.68 -16.13 23.96
C VAL A 64 1.74 -16.69 22.53
N THR A 65 0.58 -17.07 22.00
CA THR A 65 0.50 -17.66 20.66
C THR A 65 -0.10 -16.69 19.65
N HIS A 66 -0.91 -15.76 20.15
CA HIS A 66 -1.60 -14.83 19.28
C HIS A 66 -1.43 -13.41 19.82
N LEU A 67 -1.18 -12.46 18.92
CA LEU A 67 -1.11 -11.04 19.26
C LEU A 67 -2.22 -10.26 18.55
N LEU A 68 -2.89 -9.39 19.30
CA LEU A 68 -3.84 -8.46 18.72
C LEU A 68 -3.47 -7.04 19.12
N ILE A 69 -3.54 -6.10 18.18
CA ILE A 69 -3.15 -4.72 18.45
C ILE A 69 -4.27 -3.75 18.11
N SER A 70 -4.81 -3.09 19.13
CA SER A 70 -5.85 -2.08 18.94
C SER A 70 -5.31 -0.68 19.19
N THR A 71 -4.03 -0.58 19.52
CA THR A 71 -3.43 0.68 19.94
C THR A 71 -3.23 1.65 18.77
N ALA A 72 -3.79 2.85 18.88
CA ALA A 72 -3.65 3.85 17.83
C ALA A 72 -2.21 4.34 17.69
N PRO A 73 -1.82 4.72 16.47
CA PRO A 73 -0.46 5.22 16.23
C PRO A 73 -0.32 6.69 16.60
N ASP A 74 0.93 7.15 16.71
CA ASP A 74 1.24 8.57 16.85
C ASP A 74 2.19 8.93 15.73
N SER A 75 2.75 10.15 15.78
CA SER A 75 3.63 10.63 14.72
CA SER A 75 3.66 10.64 14.75
C SER A 75 4.84 9.72 14.49
N GLY A 76 5.15 8.86 15.44
CA GLY A 76 6.28 7.94 15.32
C GLY A 76 5.86 6.60 14.77
N GLY A 77 4.56 6.42 14.60
CA GLY A 77 4.02 5.14 14.14
C GLY A 77 3.41 4.35 15.27
N ASP A 78 3.77 3.07 15.34
CA ASP A 78 3.13 2.17 16.30
C ASP A 78 3.82 2.14 17.67
N PRO A 79 3.08 2.50 18.73
CA PRO A 79 3.57 2.54 20.11
C PRO A 79 3.97 1.17 20.66
N VAL A 80 3.30 0.10 20.23
CA VAL A 80 3.63 -1.25 20.70
C VAL A 80 5.00 -1.66 20.16
N LEU A 81 5.22 -1.44 18.87
CA LEU A 81 6.53 -1.73 18.27
C LEU A 81 7.61 -0.81 18.84
N ALA A 82 7.24 0.42 19.16
CA ALA A 82 8.20 1.37 19.69
C ALA A 82 8.76 0.89 21.03
N ALA A 83 7.91 0.26 21.83
CA ALA A 83 8.30 -0.18 23.17
C ALA A 83 8.77 -1.62 23.22
N LEU A 84 8.30 -2.44 22.29
CA LEU A 84 8.50 -3.88 22.39
C LEU A 84 8.88 -4.55 21.07
N GLY A 85 9.16 -3.73 20.05
CA GLY A 85 9.43 -4.25 18.72
C GLY A 85 10.57 -5.25 18.67
N ASP A 86 11.63 -4.98 19.41
CA ASP A 86 12.79 -5.87 19.47
C ASP A 86 12.39 -7.27 19.95
N GLN A 87 11.60 -7.32 21.00
CA GLN A 87 11.19 -8.59 21.60
C GLN A 87 10.26 -9.37 20.68
N ILE A 88 9.27 -8.68 20.13
CA ILE A 88 8.31 -9.30 19.23
C ILE A 88 9.01 -9.90 18.01
N ALA A 89 9.95 -9.15 17.43
CA ALA A 89 10.71 -9.63 16.28
C ALA A 89 11.48 -10.90 16.62
N ALA A 90 12.17 -10.87 17.75
CA ALA A 90 12.95 -12.01 18.20
C ALA A 90 12.09 -13.27 18.39
N ARG A 91 10.85 -13.09 18.83
CA ARG A 91 9.95 -14.22 19.10
C ARG A 91 8.99 -14.51 17.94
N ALA A 92 9.26 -13.95 16.76
CA ALA A 92 8.34 -14.04 15.62
C ALA A 92 7.80 -15.46 15.37
N ALA A 93 8.67 -16.45 15.45
CA ALA A 93 8.31 -17.83 15.10
C ALA A 93 7.41 -18.52 16.12
N GLN A 94 7.26 -17.95 17.32
CA GLN A 94 6.44 -18.62 18.32
CA GLN A 94 6.45 -18.55 18.37
C GLN A 94 4.97 -18.24 18.18
N PHE A 95 4.67 -17.20 17.42
CA PHE A 95 3.29 -16.79 17.21
C PHE A 95 2.67 -17.56 16.05
N ARG A 96 1.39 -17.86 16.16
CA ARG A 96 0.66 -18.46 15.06
CA ARG A 96 0.66 -18.47 15.05
C ARG A 96 -0.06 -17.38 14.25
N TRP A 97 -0.29 -16.24 14.88
CA TRP A 97 -1.11 -15.23 14.26
C TRP A 97 -0.92 -13.90 14.98
N VAL A 98 -0.77 -12.84 14.19
CA VAL A 98 -0.73 -11.49 14.72
C VAL A 98 -1.71 -10.63 13.93
N GLY A 99 -2.56 -9.89 14.63
CA GLY A 99 -3.50 -9.02 13.95
C GLY A 99 -3.30 -7.57 14.32
N TYR A 100 -3.06 -6.72 13.32
CA TYR A 100 -3.01 -5.29 13.55
C TYR A 100 -4.31 -4.65 13.08
N LEU A 101 -4.99 -3.97 13.98
CA LEU A 101 -6.19 -3.25 13.61
C LEU A 101 -5.83 -1.87 13.04
N SER A 102 -6.15 -1.68 11.77
CA SER A 102 -5.88 -0.44 11.06
C SER A 102 -7.23 0.22 10.76
N THR A 103 -7.24 1.15 9.82
CA THR A 103 -8.49 1.79 9.41
C THR A 103 -8.53 2.02 7.91
N THR A 104 -9.68 2.44 7.40
CA THR A 104 -9.83 2.69 5.97
C THR A 104 -9.32 4.07 5.59
N ALA A 105 -8.82 4.83 6.56
CA ALA A 105 -8.32 6.17 6.26
C ALA A 105 -7.04 6.11 5.45
N VAL A 106 -6.42 4.94 5.42
CA VAL A 106 -5.19 4.78 4.65
C VAL A 106 -5.38 5.04 3.15
N TYR A 107 -6.59 4.82 2.65
CA TYR A 107 -6.86 4.95 1.22
C TYR A 107 -6.90 6.39 0.73
N GLY A 108 -7.36 7.29 1.58
CA GLY A 108 -7.47 8.68 1.19
C GLY A 108 -8.69 8.95 0.33
N ASP A 109 -8.61 9.99 -0.48
CA ASP A 109 -9.75 10.47 -1.25
C ASP A 109 -9.83 9.87 -2.65
N HIS A 110 -11.01 9.34 -2.98
CA HIS A 110 -11.23 8.69 -4.28
C HIS A 110 -12.51 9.19 -4.93
N ASP A 111 -13.02 10.31 -4.41
CA ASP A 111 -14.22 10.90 -4.97
C ASP A 111 -15.36 9.88 -5.10
N GLY A 112 -15.45 8.97 -4.14
CA GLY A 112 -16.56 8.03 -4.11
C GLY A 112 -16.35 6.74 -4.87
N ALA A 113 -15.24 6.65 -5.59
CA ALA A 113 -14.90 5.45 -6.33
C ALA A 113 -14.61 4.29 -5.37
N TRP A 114 -14.61 3.08 -5.91
CA TRP A 114 -14.40 1.87 -5.12
C TRP A 114 -12.92 1.54 -4.99
N VAL A 115 -12.52 1.14 -3.80
CA VAL A 115 -11.15 0.76 -3.51
C VAL A 115 -11.14 -0.63 -2.92
N ASP A 116 -10.03 -1.34 -3.09
CA ASP A 116 -9.87 -2.63 -2.44
C ASP A 116 -8.50 -2.71 -1.79
N GLU A 117 -8.14 -3.90 -1.32
CA GLU A 117 -6.91 -4.07 -0.59
C GLU A 117 -5.66 -3.86 -1.46
N THR A 118 -5.85 -3.76 -2.79
CA THR A 118 -4.71 -3.52 -3.69
C THR A 118 -4.57 -2.05 -4.08
N THR A 119 -5.52 -1.23 -3.65
CA THR A 119 -5.48 0.18 -3.97
C THR A 119 -4.33 0.90 -3.27
N PRO A 120 -3.59 1.75 -4.00
CA PRO A 120 -2.48 2.51 -3.41
C PRO A 120 -2.92 3.35 -2.20
N LEU A 121 -2.02 3.52 -1.23
CA LEU A 121 -2.37 4.30 -0.04
C LEU A 121 -1.98 5.77 -0.18
N THR A 122 -2.98 6.64 -0.13
CA THR A 122 -2.74 8.08 -0.23
C THR A 122 -3.56 8.85 0.78
N PRO A 123 -3.29 8.64 2.08
CA PRO A 123 -4.05 9.36 3.10
C PRO A 123 -3.85 10.87 2.97
N THR A 124 -4.85 11.66 3.31
CA THR A 124 -4.74 13.09 3.13
C THR A 124 -4.52 13.85 4.44
N ALA A 125 -4.51 13.14 5.56
CA ALA A 125 -4.33 13.78 6.85
C ALA A 125 -3.36 13.02 7.74
N ALA A 126 -2.94 13.64 8.83
CA ALA A 126 -1.91 13.08 9.71
C ALA A 126 -2.27 11.70 10.24
N ARG A 127 -3.50 11.55 10.73
CA ARG A 127 -3.94 10.28 11.29
C ARG A 127 -3.79 9.15 10.28
N GLY A 128 -4.20 9.39 9.04
CA GLY A 128 -4.07 8.40 7.99
C GLY A 128 -2.62 8.08 7.67
N ARG A 129 -1.76 9.09 7.69
CA ARG A 129 -0.33 8.88 7.44
C ARG A 129 0.28 8.06 8.57
N TRP A 130 -0.15 8.31 9.80
CA TRP A 130 0.37 7.56 10.94
C TRP A 130 -0.06 6.09 10.86
N ARG A 131 -1.28 5.86 10.37
CA ARG A 131 -1.76 4.50 10.17
C ARG A 131 -0.90 3.79 9.14
N VAL A 132 -0.62 4.46 8.02
CA VAL A 132 0.22 3.85 6.98
C VAL A 132 1.60 3.52 7.54
N MSE A 133 2.17 4.45 8.29
CA MSE A 133 3.45 4.24 8.98
C MSE A 133 3.39 2.97 9.81
O MSE A 133 4.28 2.11 9.72
CB MSE A 133 3.71 5.38 9.96
CG MSE A 133 4.44 6.60 9.44
SE MSE A 133 5.27 7.42 11.02
CE MSE A 133 6.76 6.17 11.21
N ALA A 134 2.36 2.88 10.64
CA ALA A 134 2.22 1.74 11.55
C ALA A 134 2.12 0.43 10.78
N GLU A 135 1.29 0.41 9.74
CA GLU A 135 1.15 -0.80 8.93
C GLU A 135 2.51 -1.23 8.37
N GLN A 136 3.26 -0.26 7.85
CA GLN A 136 4.54 -0.55 7.22
C GLN A 136 5.54 -1.09 8.23
N GLN A 137 5.51 -0.55 9.44
CA GLN A 137 6.40 -1.02 10.50
C GLN A 137 6.09 -2.48 10.86
N TRP A 138 4.81 -2.79 11.01
CA TRP A 138 4.41 -4.16 11.28
C TRP A 138 4.79 -5.11 10.12
N GLN A 139 4.54 -4.67 8.89
CA GLN A 139 4.83 -5.51 7.73
CA GLN A 139 4.83 -5.49 7.71
C GLN A 139 6.33 -5.75 7.51
N ALA A 140 7.16 -4.96 8.18
CA ALA A 140 8.62 -5.11 8.04
C ALA A 140 9.21 -6.18 8.96
N VAL A 141 8.48 -6.57 10.00
CA VAL A 141 8.97 -7.56 10.95
C VAL A 141 9.13 -8.93 10.30
N PRO A 142 10.37 -9.38 10.12
CA PRO A 142 10.61 -10.65 9.42
C PRO A 142 9.89 -11.84 10.06
N ASN A 143 9.20 -12.63 9.24
CA ASN A 143 8.62 -13.90 9.67
C ASN A 143 7.47 -13.80 10.68
N LEU A 144 6.94 -12.59 10.85
CA LEU A 144 5.77 -12.40 11.69
C LEU A 144 4.51 -12.77 10.90
N PRO A 145 3.63 -13.60 11.49
CA PRO A 145 2.38 -14.02 10.85
C PRO A 145 1.38 -12.88 10.89
N LEU A 146 1.71 -11.77 10.24
CA LEU A 146 0.95 -10.53 10.36
C LEU A 146 -0.28 -10.50 9.46
N HIS A 147 -1.36 -9.94 10.00
CA HIS A 147 -2.59 -9.74 9.25
C HIS A 147 -3.02 -8.35 9.61
N VAL A 148 -3.36 -7.57 8.59
CA VAL A 148 -3.81 -6.19 8.79
C VAL A 148 -5.29 -6.11 8.49
N PHE A 149 -6.04 -5.48 9.41
CA PHE A 149 -7.47 -5.34 9.26
C PHE A 149 -7.81 -3.87 9.23
N ARG A 150 -8.23 -3.40 8.06
CA ARG A 150 -8.60 -2.00 7.91
C ARG A 150 -10.07 -1.84 8.24
N LEU A 151 -10.31 -1.33 9.44
CA LEU A 151 -11.65 -1.26 10.01
C LEU A 151 -12.37 -0.01 9.54
N ALA A 152 -13.64 -0.16 9.19
CA ALA A 152 -14.49 0.98 8.91
C ALA A 152 -14.94 1.59 10.24
N GLY A 153 -15.84 2.56 10.17
CA GLY A 153 -16.40 3.16 11.37
C GLY A 153 -17.17 2.15 12.19
N ILE A 154 -16.77 1.98 13.44
CA ILE A 154 -17.34 0.93 14.29
C ILE A 154 -18.64 1.34 14.99
N TYR A 155 -19.61 0.44 14.97
CA TYR A 155 -20.83 0.62 15.76
C TYR A 155 -21.30 -0.70 16.36
N GLY A 156 -22.21 -0.61 17.32
CA GLY A 156 -22.64 -1.78 18.04
C GLY A 156 -23.30 -1.43 19.36
N PRO A 157 -23.52 -2.44 20.22
CA PRO A 157 -24.15 -2.20 21.51
C PRO A 157 -23.34 -1.18 22.30
N GLY A 158 -24.00 -0.18 22.87
CA GLY A 158 -23.31 0.82 23.65
C GLY A 158 -22.63 1.86 22.78
N ARG A 159 -22.54 1.58 21.50
CA ARG A 159 -22.00 2.55 20.55
C ARG A 159 -22.95 2.70 19.36
N GLY A 160 -24.18 3.13 19.66
CA GLY A 160 -25.20 3.31 18.65
C GLY A 160 -25.81 4.69 18.71
N PRO A 161 -26.73 4.99 17.79
CA PRO A 161 -27.27 6.34 17.63
C PRO A 161 -28.49 6.63 18.51
N PHE A 162 -29.04 5.62 19.17
CA PHE A 162 -30.27 5.80 19.94
C PHE A 162 -30.03 6.51 21.27
N SER A 163 -28.80 6.43 21.78
CA SER A 163 -28.42 7.20 22.96
C SER A 163 -28.31 8.67 22.58
N LYS A 164 -28.02 8.92 21.32
CA LYS A 164 -27.73 10.24 20.79
C LYS A 164 -28.99 11.09 20.56
N LEU A 165 -30.15 10.45 20.72
CA LEU A 165 -31.42 11.10 20.39
C LEU A 165 -32.09 11.76 21.58
N GLY A 166 -33.08 12.61 21.30
CA GLY A 166 -33.93 13.16 22.34
C GLY A 166 -33.38 14.30 23.17
N LYS A 167 -32.08 14.58 23.06
CA LYS A 167 -31.49 15.65 23.86
C LYS A 167 -31.01 16.84 23.04
N GLY A 168 -31.56 17.01 21.85
CA GLY A 168 -31.24 18.16 21.01
C GLY A 168 -29.78 18.20 20.63
N GLY A 169 -29.36 19.34 20.08
CA GLY A 169 -27.97 19.52 19.68
C GLY A 169 -27.49 18.46 18.71
N ILE A 170 -28.40 17.95 17.89
CA ILE A 170 -28.06 17.00 16.83
C ILE A 170 -28.42 17.57 15.47
N ARG A 171 -27.50 17.43 14.52
CA ARG A 171 -27.72 17.99 13.19
C ARG A 171 -27.17 17.04 12.14
N ARG A 172 -27.79 17.05 10.96
CA ARG A 172 -27.32 16.22 9.86
C ARG A 172 -26.47 17.07 8.92
N ILE A 173 -25.18 16.76 8.84
CA ILE A 173 -24.27 17.48 7.96
C ILE A 173 -24.34 16.92 6.56
N ILE A 174 -24.66 17.78 5.59
CA ILE A 174 -24.83 17.35 4.21
C ILE A 174 -23.65 17.73 3.30
N LYS A 175 -22.81 16.75 2.96
CA LYS A 175 -21.76 16.97 1.98
C LYS A 175 -22.15 16.18 0.73
N PRO A 176 -22.29 16.87 -0.40
CA PRO A 176 -22.79 16.23 -1.62
C PRO A 176 -21.93 15.02 -1.99
N GLY A 177 -22.59 13.89 -2.23
CA GLY A 177 -21.90 12.68 -2.66
C GLY A 177 -21.23 11.90 -1.55
N GLN A 178 -21.13 12.50 -0.36
CA GLN A 178 -20.40 11.88 0.75
C GLN A 178 -21.03 10.59 1.26
N VAL A 179 -20.22 9.54 1.38
CA VAL A 179 -20.66 8.35 2.07
C VAL A 179 -19.59 7.96 3.08
N PHE A 180 -19.99 7.24 4.14
CA PHE A 180 -19.04 6.69 5.08
C PHE A 180 -19.16 5.16 5.17
N SER A 181 -18.05 4.49 5.46
CA SER A 181 -18.10 3.06 5.64
C SER A 181 -18.34 2.73 7.11
N ARG A 182 -19.17 1.71 7.34
CA ARG A 182 -19.46 1.23 8.69
C ARG A 182 -19.25 -0.27 8.83
N ILE A 183 -19.00 -0.71 10.05
CA ILE A 183 -18.93 -2.12 10.40
C ILE A 183 -19.46 -2.37 11.81
N HIS A 184 -20.28 -3.40 11.97
CA HIS A 184 -20.80 -3.78 13.28
C HIS A 184 -19.72 -4.54 14.03
N VAL A 185 -19.57 -4.25 15.32
CA VAL A 185 -18.51 -4.84 16.13
C VAL A 185 -18.56 -6.38 16.15
N GLU A 186 -19.77 -6.93 16.11
CA GLU A 186 -19.92 -8.39 16.06
C GLU A 186 -19.29 -8.99 14.79
N ASP A 187 -19.41 -8.27 13.69
CA ASP A 187 -18.83 -8.71 12.43
C ASP A 187 -17.31 -8.60 12.42
N ILE A 188 -16.78 -7.59 13.12
CA ILE A 188 -15.33 -7.54 13.30
C ILE A 188 -14.87 -8.79 14.04
N ALA A 189 -15.61 -9.16 15.09
CA ALA A 189 -15.27 -10.34 15.88
C ALA A 189 -15.25 -11.60 15.00
N GLN A 190 -16.22 -11.70 14.10
CA GLN A 190 -16.28 -12.80 13.15
C GLN A 190 -15.03 -12.88 12.29
N VAL A 191 -14.64 -11.74 11.73
CA VAL A 191 -13.47 -11.67 10.86
C VAL A 191 -12.19 -12.08 11.60
N LEU A 192 -11.98 -11.50 12.78
CA LEU A 192 -10.81 -11.81 13.59
C LEU A 192 -10.74 -13.30 13.89
N ALA A 193 -11.86 -13.85 14.34
CA ALA A 193 -11.93 -15.28 14.62
C ALA A 193 -11.63 -16.10 13.37
N ALA A 194 -12.23 -15.71 12.24
CA ALA A 194 -12.02 -16.43 10.98
C ALA A 194 -10.55 -16.41 10.57
N SER A 195 -9.92 -15.25 10.70
CA SER A 195 -8.51 -15.10 10.33
C SER A 195 -7.64 -15.94 11.25
N MSE A 196 -7.93 -15.90 12.53
CA MSE A 196 -7.23 -16.78 13.48
C MSE A 196 -7.30 -18.24 13.02
O MSE A 196 -6.33 -18.98 13.12
CB MSE A 196 -7.81 -16.65 14.90
CG MSE A 196 -7.16 -15.56 15.75
SE MSE A 196 -8.37 -14.84 17.10
CE MSE A 196 -7.09 -13.78 18.09
N ALA A 197 -8.45 -18.64 12.46
CA ALA A 197 -8.64 -20.02 12.03
C ALA A 197 -7.92 -20.35 10.72
N ARG A 198 -7.83 -19.37 9.82
CA ARG A 198 -7.15 -19.53 8.55
C ARG A 198 -6.05 -18.48 8.37
N PRO A 199 -4.93 -18.62 9.10
CA PRO A 199 -3.84 -17.65 8.98
C PRO A 199 -3.22 -17.57 7.58
N ASP A 200 -2.90 -16.35 7.15
CA ASP A 200 -2.35 -16.08 5.84
C ASP A 200 -1.37 -14.92 5.95
N PRO A 201 -0.16 -15.20 6.47
CA PRO A 201 0.84 -14.18 6.79
C PRO A 201 1.00 -13.13 5.69
N GLY A 202 0.83 -11.86 6.07
CA GLY A 202 0.98 -10.76 5.14
C GLY A 202 -0.31 -10.21 4.56
N ALA A 203 -1.42 -10.92 4.79
CA ALA A 203 -2.69 -10.56 4.19
C ALA A 203 -3.23 -9.26 4.78
N VAL A 204 -3.91 -8.49 3.94
CA VAL A 204 -4.65 -7.30 4.35
C VAL A 204 -6.13 -7.53 4.04
N TYR A 205 -7.01 -7.15 4.96
CA TYR A 205 -8.44 -7.34 4.76
C TYR A 205 -9.15 -6.06 5.10
N ASN A 206 -9.97 -5.58 4.18
CA ASN A 206 -10.93 -4.52 4.49
C ASN A 206 -12.06 -5.10 5.34
N VAL A 207 -12.44 -4.40 6.40
CA VAL A 207 -13.49 -4.90 7.27
C VAL A 207 -14.58 -3.83 7.37
N CYS A 208 -15.56 -3.96 6.48
CA CYS A 208 -16.66 -3.01 6.38
C CYS A 208 -17.88 -3.76 5.89
N ASP A 209 -19.06 -3.18 6.03
CA ASP A 209 -20.26 -3.83 5.53
C ASP A 209 -20.51 -3.55 4.04
N ASP A 210 -21.68 -3.95 3.56
CA ASP A 210 -21.98 -3.95 2.13
C ASP A 210 -22.46 -2.63 1.56
N GLU A 211 -22.76 -1.67 2.43
CA GLU A 211 -23.47 -0.48 1.98
C GLU A 211 -22.88 0.83 2.48
N PRO A 212 -21.94 1.40 1.70
CA PRO A 212 -21.47 2.76 1.96
C PRO A 212 -22.70 3.65 2.08
N VAL A 213 -22.72 4.48 3.11
CA VAL A 213 -23.93 5.21 3.41
C VAL A 213 -23.64 6.67 3.78
N PRO A 214 -24.46 7.59 3.26
CA PRO A 214 -24.36 8.99 3.71
C PRO A 214 -24.66 9.05 5.21
N PRO A 215 -23.78 9.71 5.98
CA PRO A 215 -23.91 9.76 7.44
C PRO A 215 -25.27 10.29 7.86
N GLN A 216 -25.82 11.20 7.07
CA GLN A 216 -27.11 11.81 7.40
C GLN A 216 -28.26 10.79 7.32
N ASP A 217 -28.04 9.71 6.59
CA ASP A 217 -29.06 8.68 6.43
C ASP A 217 -29.13 7.78 7.65
N VAL A 218 -27.99 7.59 8.31
CA VAL A 218 -27.97 6.76 9.50
C VAL A 218 -28.76 7.46 10.60
N ILE A 219 -28.40 8.72 10.84
CA ILE A 219 -29.09 9.58 11.79
C ILE A 219 -30.59 9.61 11.49
N ALA A 220 -30.94 9.80 10.23
CA ALA A 220 -32.35 9.81 9.83
C ALA A 220 -33.05 8.51 10.18
N TYR A 221 -32.41 7.38 9.90
CA TYR A 221 -33.05 6.08 10.11
C TYR A 221 -33.24 5.79 11.60
N ALA A 222 -32.28 6.19 12.42
CA ALA A 222 -32.38 6.01 13.86
C ALA A 222 -33.60 6.79 14.37
N ALA A 223 -33.76 8.01 13.88
CA ALA A 223 -34.90 8.85 14.28
C ALA A 223 -36.21 8.19 13.84
N GLU A 224 -36.25 7.71 12.61
CA GLU A 224 -37.42 7.01 12.08
C GLU A 224 -37.82 5.83 12.98
N LEU A 225 -36.85 4.98 13.31
CA LEU A 225 -37.10 3.83 14.18
C LEU A 225 -37.67 4.21 15.55
N GLN A 226 -37.27 5.38 16.04
CA GLN A 226 -37.59 5.80 17.40
C GLN A 226 -38.88 6.61 17.39
N GLY A 227 -39.42 6.85 16.19
CA GLY A 227 -40.64 7.63 16.08
C GLY A 227 -40.42 9.09 16.43
N LEU A 228 -39.21 9.59 16.15
CA LEU A 228 -38.84 10.97 16.41
C LEU A 228 -38.71 11.80 15.14
N PRO A 229 -38.83 13.13 15.25
CA PRO A 229 -38.72 13.99 14.08
C PRO A 229 -37.36 13.90 13.42
N LEU A 230 -37.32 14.03 12.10
CA LEU A 230 -36.07 14.06 11.36
C LEU A 230 -35.26 15.28 11.78
N PRO A 231 -34.07 15.06 12.35
CA PRO A 231 -33.19 16.17 12.75
C PRO A 231 -32.93 17.10 11.57
N PRO A 232 -32.75 18.40 11.84
CA PRO A 232 -32.51 19.39 10.78
C PRO A 232 -31.17 19.14 10.07
N ALA A 233 -31.11 19.49 8.79
CA ALA A 233 -29.89 19.34 8.02
C ALA A 233 -29.19 20.68 7.84
N VAL A 234 -27.86 20.64 7.76
CA VAL A 234 -27.06 21.83 7.49
CA VAL A 234 -27.08 21.83 7.47
C VAL A 234 -26.02 21.50 6.44
N ASP A 235 -25.85 22.40 5.48
CA ASP A 235 -24.87 22.17 4.41
C ASP A 235 -23.46 22.15 4.97
N PHE A 236 -22.67 21.18 4.51
CA PHE A 236 -21.30 21.03 4.96
C PHE A 236 -20.52 22.35 4.99
N ASP A 237 -20.60 23.11 3.90
CA ASP A 237 -19.85 24.36 3.80
C ASP A 237 -20.48 25.50 4.61
N LYS A 238 -21.47 25.16 5.44
CA LYS A 238 -22.11 26.15 6.31
C LYS A 238 -22.17 25.70 7.76
N ALA A 239 -21.59 24.54 8.05
CA ALA A 239 -21.75 23.90 9.36
C ALA A 239 -20.80 24.43 10.44
N ASP A 240 -19.89 25.31 10.05
CA ASP A 240 -18.81 25.77 10.94
C ASP A 240 -18.28 24.62 11.79
N LEU A 241 -17.49 23.75 11.17
CA LEU A 241 -16.94 22.61 11.87
C LEU A 241 -15.51 22.90 12.29
N THR A 242 -15.07 22.27 13.37
CA THR A 242 -13.67 22.31 13.76
C THR A 242 -12.88 21.60 12.69
N PRO A 243 -11.58 21.89 12.60
CA PRO A 243 -10.71 21.22 11.62
C PRO A 243 -10.84 19.71 11.64
N MSE A 244 -10.84 19.11 12.83
CA MSE A 244 -11.00 17.67 12.96
C MSE A 244 -12.29 17.18 12.31
O MSE A 244 -12.28 16.29 11.48
CB MSE A 244 -10.94 17.24 14.42
CG MSE A 244 -10.93 15.73 14.64
SE MSE A 244 -9.43 14.83 13.75
CE MSE A 244 -9.61 13.09 14.61
N ALA A 245 -13.41 17.77 12.73
CA ALA A 245 -14.71 17.38 12.19
C ALA A 245 -14.72 17.51 10.67
N ARG A 246 -14.14 18.60 10.17
CA ARG A 246 -14.10 18.86 8.74
C ARG A 246 -13.27 17.82 8.01
N SER A 247 -12.22 17.33 8.67
CA SER A 247 -11.29 16.40 8.05
CA SER A 247 -11.29 16.39 8.06
C SER A 247 -11.96 15.09 7.65
N PHE A 248 -13.08 14.77 8.30
CA PHE A 248 -13.79 13.52 8.00
C PHE A 248 -14.61 13.62 6.72
N TYR A 249 -14.88 14.84 6.29
CA TYR A 249 -15.64 15.08 5.08
C TYR A 249 -14.73 15.49 3.93
N SER A 250 -13.43 15.24 4.08
CA SER A 250 -12.45 15.65 3.08
C SER A 250 -12.00 14.48 2.22
N GLU A 251 -12.47 13.29 2.54
CA GLU A 251 -12.12 12.09 1.78
C GLU A 251 -13.38 11.27 1.53
N ASN A 252 -13.56 10.82 0.30
CA ASN A 252 -14.73 10.02 -0.03
C ASN A 252 -14.34 8.80 -0.86
N LYS A 253 -14.69 7.62 -0.39
CA LYS A 253 -14.46 6.38 -1.14
C LYS A 253 -15.50 5.31 -0.77
N ARG A 254 -15.51 4.22 -1.53
CA ARG A 254 -16.35 3.07 -1.21
C ARG A 254 -15.41 1.90 -1.14
N VAL A 255 -15.54 1.10 -0.09
CA VAL A 255 -14.54 0.06 0.19
C VAL A 255 -15.12 -1.33 -0.05
N ARG A 256 -14.41 -2.13 -0.85
CA ARG A 256 -14.78 -3.51 -1.14
C ARG A 256 -14.44 -4.42 0.05
N ASN A 257 -15.32 -5.38 0.33
CA ASN A 257 -15.13 -6.32 1.43
C ASN A 257 -15.16 -7.76 0.94
N ASP A 258 -14.71 -7.98 -0.29
CA ASP A 258 -14.76 -9.31 -0.92
C ASP A 258 -13.82 -10.31 -0.27
N ARG A 259 -12.63 -9.85 0.10
CA ARG A 259 -11.60 -10.71 0.65
CA ARG A 259 -11.61 -10.73 0.64
C ARG A 259 -12.04 -11.46 1.90
N ILE A 260 -12.69 -10.77 2.84
CA ILE A 260 -13.12 -11.43 4.07
C ILE A 260 -14.17 -12.49 3.78
N LYS A 261 -14.96 -12.27 2.72
CA LYS A 261 -16.01 -13.22 2.35
C LYS A 261 -15.41 -14.42 1.64
N GLU A 262 -14.65 -14.16 0.59
CA GLU A 262 -14.14 -15.21 -0.29
C GLU A 262 -12.97 -16.00 0.29
N GLU A 263 -12.12 -15.32 1.06
CA GLU A 263 -10.93 -15.96 1.60
C GLU A 263 -11.17 -16.50 3.00
N LEU A 264 -11.89 -15.75 3.83
CA LEU A 264 -12.10 -16.12 5.22
C LEU A 264 -13.41 -16.86 5.50
N GLY A 265 -14.33 -16.83 4.53
CA GLY A 265 -15.61 -17.50 4.68
C GLY A 265 -16.58 -16.76 5.56
N VAL A 266 -16.30 -15.48 5.82
CA VAL A 266 -17.18 -14.67 6.66
C VAL A 266 -18.49 -14.33 5.96
N ARG A 267 -19.59 -14.45 6.70
CA ARG A 267 -20.87 -13.99 6.22
C ARG A 267 -21.41 -12.97 7.21
N LEU A 268 -21.51 -11.73 6.76
CA LEU A 268 -21.90 -10.62 7.63
C LEU A 268 -23.25 -10.84 8.33
N LYS A 269 -23.26 -10.63 9.64
CA LYS A 269 -24.49 -10.67 10.43
C LYS A 269 -25.30 -9.43 10.13
N TYR A 270 -24.61 -8.33 9.90
CA TYR A 270 -25.27 -7.05 9.64
C TYR A 270 -24.70 -6.41 8.38
N PRO A 271 -25.20 -6.83 7.22
CA PRO A 271 -24.70 -6.38 5.91
C PRO A 271 -24.87 -4.89 5.66
N ASN A 272 -25.79 -4.25 6.39
CA ASN A 272 -26.03 -2.83 6.21
C ASN A 272 -26.54 -2.18 7.49
N TYR A 273 -26.54 -0.84 7.50
CA TYR A 273 -26.86 -0.06 8.69
C TYR A 273 -28.32 -0.21 9.11
N ARG A 274 -29.20 -0.49 8.15
CA ARG A 274 -30.61 -0.64 8.45
C ARG A 274 -30.88 -1.89 9.29
N VAL A 275 -30.30 -3.02 8.93
CA VAL A 275 -30.51 -4.23 9.72
C VAL A 275 -29.75 -4.16 11.04
N GLY A 276 -28.57 -3.53 11.00
CA GLY A 276 -27.80 -3.32 12.21
C GLY A 276 -28.54 -2.43 13.20
N LEU A 277 -29.09 -1.33 12.70
CA LEU A 277 -29.82 -0.39 13.55
C LEU A 277 -31.11 -0.97 14.15
N GLU A 278 -31.83 -1.75 13.35
CA GLU A 278 -33.06 -2.36 13.84
C GLU A 278 -32.76 -3.32 14.99
N ALA A 279 -31.69 -4.10 14.85
CA ALA A 279 -31.26 -5.01 15.91
C ALA A 279 -30.76 -4.29 17.15
N LEU A 280 -29.99 -3.21 16.95
CA LEU A 280 -29.45 -2.42 18.05
CA LEU A 280 -29.46 -2.43 18.05
C LEU A 280 -30.57 -1.80 18.89
N GLN A 281 -31.59 -1.29 18.23
CA GLN A 281 -32.70 -0.67 18.94
C GLN A 281 -33.40 -1.68 19.84
N ALA A 282 -33.46 -2.92 19.38
CA ALA A 282 -34.13 -3.98 20.12
C ALA A 282 -33.21 -4.64 21.15
N ASP A 283 -31.94 -4.26 21.15
CA ASP A 283 -30.93 -4.93 21.95
C ASP A 283 -31.00 -6.43 21.68
N ALA A 284 -31.22 -6.77 20.42
CA ALA A 284 -31.37 -8.16 20.01
C ALA A 284 -30.27 -8.60 19.06
N GLU A 285 -30.33 -9.85 18.63
CA GLU A 285 -29.29 -10.41 17.78
C GLU A 285 -29.60 -10.27 16.29
N THR A 286 -30.85 -10.52 15.92
CA THR A 286 -31.25 -10.54 14.52
C THR A 286 -30.99 -9.20 13.84
N THR B 5 32.06 -10.06 -14.59
CA THR B 5 31.13 -10.95 -13.92
C THR B 5 31.34 -10.92 -12.40
N GLY B 6 30.25 -11.01 -11.65
CA GLY B 6 30.31 -11.01 -10.20
C GLY B 6 29.11 -11.70 -9.56
N THR B 7 28.69 -11.17 -8.43
CA THR B 7 27.54 -11.69 -7.70
C THR B 7 26.59 -10.53 -7.46
N LEU B 8 25.40 -10.63 -8.04
CA LEU B 8 24.42 -9.55 -7.99
C LEU B 8 23.27 -9.88 -7.05
N LEU B 9 22.97 -8.95 -6.15
CA LEU B 9 21.85 -9.13 -5.24
C LEU B 9 20.81 -8.16 -5.74
N SER B 10 19.66 -8.67 -6.14
CA SER B 10 18.61 -7.90 -6.76
C SER B 10 17.40 -7.87 -5.82
N PHE B 11 17.19 -6.73 -5.16
CA PHE B 11 16.08 -6.54 -4.22
C PHE B 11 14.81 -6.20 -5.00
N GLY B 12 13.74 -6.94 -4.73
CA GLY B 12 12.50 -6.76 -5.45
C GLY B 12 12.66 -7.17 -6.90
N HIS B 13 13.30 -8.32 -7.09
CA HIS B 13 13.57 -8.86 -8.42
C HIS B 13 12.27 -9.00 -9.21
N GLY B 14 11.92 -7.96 -9.94
CA GLY B 14 10.66 -7.94 -10.66
C GLY B 14 10.76 -7.99 -12.17
N TYR B 15 9.79 -7.35 -12.82
CA TYR B 15 9.65 -7.33 -14.27
C TYR B 15 10.95 -6.97 -14.97
N THR B 16 11.49 -5.79 -14.65
CA THR B 16 12.71 -5.32 -15.25
C THR B 16 13.91 -6.19 -14.90
N ALA B 17 14.11 -6.44 -13.60
CA ALA B 17 15.29 -7.18 -13.14
C ALA B 17 15.36 -8.58 -13.75
N ARG B 18 14.20 -9.18 -13.96
CA ARG B 18 14.12 -10.54 -14.51
C ARG B 18 14.64 -10.63 -15.95
N VAL B 19 14.30 -9.64 -16.77
CA VAL B 19 14.84 -9.63 -18.13
CA VAL B 19 14.84 -9.58 -18.14
C VAL B 19 16.35 -9.42 -18.08
N LEU B 20 16.82 -8.61 -17.13
CA LEU B 20 18.26 -8.43 -16.96
C LEU B 20 18.92 -9.75 -16.56
N SER B 21 18.36 -10.46 -15.58
CA SER B 21 19.03 -11.67 -15.11
C SER B 21 18.99 -12.78 -16.17
N ARG B 22 17.98 -12.75 -17.03
CA ARG B 22 17.88 -13.70 -18.14
C ARG B 22 19.06 -13.58 -19.12
N ALA B 23 19.65 -12.39 -19.17
CA ALA B 23 20.82 -12.12 -20.02
C ALA B 23 22.12 -12.40 -19.27
N LEU B 24 22.18 -12.01 -18.00
CA LEU B 24 23.40 -12.13 -17.20
C LEU B 24 23.70 -13.54 -16.74
N ALA B 25 22.66 -14.25 -16.29
CA ALA B 25 22.85 -15.60 -15.74
C ALA B 25 23.60 -16.51 -16.71
N PRO B 26 23.18 -16.54 -17.99
CA PRO B 26 23.89 -17.37 -18.98
C PRO B 26 25.34 -16.91 -19.20
N GLN B 27 25.69 -15.70 -18.78
CA GLN B 27 27.05 -15.21 -18.96
C GLN B 27 27.95 -15.57 -17.78
N GLY B 28 27.37 -16.21 -16.76
CA GLY B 28 28.14 -16.67 -15.62
C GLY B 28 27.86 -15.98 -14.31
N TRP B 29 27.06 -14.92 -14.35
CA TRP B 29 26.74 -14.18 -13.13
C TRP B 29 25.99 -15.03 -12.12
N ARG B 30 26.31 -14.88 -10.83
CA ARG B 30 25.46 -15.42 -9.79
C ARG B 30 24.49 -14.32 -9.40
N ILE B 31 23.21 -14.66 -9.36
CA ILE B 31 22.19 -13.66 -9.06
C ILE B 31 21.24 -14.16 -7.97
N ILE B 32 20.88 -13.26 -7.06
CA ILE B 32 19.98 -13.61 -5.99
C ILE B 32 18.91 -12.55 -6.08
N GLY B 33 17.66 -12.98 -6.20
CA GLY B 33 16.54 -12.05 -6.34
C GLY B 33 15.54 -12.22 -5.23
N THR B 34 15.10 -11.12 -4.65
CA THR B 34 14.22 -11.17 -3.50
C THR B 34 12.80 -10.77 -3.85
N SER B 35 11.85 -11.28 -3.05
CA SER B 35 10.46 -10.89 -3.14
C SER B 35 9.83 -11.09 -1.76
N ARG B 36 8.87 -10.26 -1.39
CA ARG B 36 8.19 -10.47 -0.13
C ARG B 36 7.11 -11.54 -0.30
N ASN B 37 6.86 -11.91 -1.56
CA ASN B 37 5.76 -12.82 -1.90
C ASN B 37 6.25 -14.25 -2.18
N PRO B 38 5.93 -15.19 -1.28
CA PRO B 38 6.37 -16.60 -1.42
C PRO B 38 5.93 -17.23 -2.75
N ASP B 39 4.84 -16.73 -3.32
CA ASP B 39 4.33 -17.26 -4.59
C ASP B 39 5.26 -16.95 -5.75
N GLN B 40 6.20 -16.02 -5.54
CA GLN B 40 7.04 -15.53 -6.62
C GLN B 40 8.39 -16.24 -6.75
N MSE B 41 8.66 -17.16 -5.84
CA MSE B 41 9.97 -17.82 -5.79
C MSE B 41 10.30 -18.60 -7.08
O MSE B 41 11.45 -18.62 -7.52
CB MSE B 41 10.08 -18.77 -4.59
CG MSE B 41 9.86 -18.11 -3.23
SE MSE B 41 11.24 -16.82 -2.69
CE MSE B 41 10.33 -15.19 -3.20
N GLU B 42 9.29 -19.24 -7.65
CA GLU B 42 9.51 -20.06 -8.84
C GLU B 42 9.81 -19.20 -10.07
N ALA B 43 9.07 -18.10 -10.22
CA ALA B 43 9.24 -17.21 -11.36
C ALA B 43 10.58 -16.46 -11.29
N ILE B 44 11.05 -16.17 -10.08
CA ILE B 44 12.35 -15.57 -9.89
C ILE B 44 13.42 -16.60 -10.26
N ARG B 45 13.26 -17.82 -9.77
CA ARG B 45 14.23 -18.88 -10.04
CA ARG B 45 14.21 -18.90 -10.04
C ARG B 45 14.32 -19.16 -11.54
N ALA B 46 13.19 -19.11 -12.22
CA ALA B 46 13.14 -19.37 -13.66
C ALA B 46 13.76 -18.24 -14.46
N SER B 47 13.83 -17.05 -13.87
CA SER B 47 14.48 -15.91 -14.52
C SER B 47 15.99 -15.96 -14.38
N GLY B 48 16.49 -16.96 -13.66
CA GLY B 48 17.93 -17.14 -13.53
C GLY B 48 18.51 -16.78 -12.17
N ALA B 49 17.67 -16.26 -11.28
CA ALA B 49 18.11 -15.84 -9.95
C ALA B 49 17.76 -16.87 -8.87
N GLU B 50 18.62 -16.97 -7.86
CA GLU B 50 18.31 -17.74 -6.67
C GLU B 50 17.28 -16.95 -5.87
N PRO B 51 16.08 -17.52 -5.66
CA PRO B 51 15.04 -16.73 -4.98
C PRO B 51 15.28 -16.60 -3.48
N LEU B 52 14.91 -15.45 -2.91
CA LEU B 52 15.08 -15.22 -1.49
C LEU B 52 13.83 -14.51 -1.01
N LEU B 53 13.26 -14.96 0.10
CA LEU B 53 12.13 -14.26 0.69
C LEU B 53 12.62 -13.13 1.57
N TRP B 54 12.29 -11.89 1.22
CA TRP B 54 12.73 -10.75 2.01
C TRP B 54 11.64 -9.67 2.03
N PRO B 55 11.29 -9.20 3.24
CA PRO B 55 11.80 -9.61 4.55
C PRO B 55 11.46 -11.07 4.88
N GLY B 56 12.24 -11.66 5.78
CA GLY B 56 12.04 -13.05 6.16
C GLY B 56 13.38 -13.76 6.27
N GLU B 57 14.03 -13.94 5.13
CA GLU B 57 15.39 -14.47 5.12
C GLU B 57 16.37 -13.30 5.06
N GLU B 58 17.46 -13.41 5.80
CA GLU B 58 18.46 -12.34 5.76
C GLU B 58 19.44 -12.59 4.64
N PRO B 59 19.73 -11.56 3.85
CA PRO B 59 20.65 -11.68 2.71
C PRO B 59 22.06 -11.93 3.20
N SER B 60 22.81 -12.74 2.46
CA SER B 60 24.21 -12.95 2.77
CA SER B 60 24.22 -12.96 2.77
C SER B 60 25.06 -11.98 1.97
N LEU B 61 25.29 -10.79 2.54
CA LEU B 61 26.01 -9.72 1.85
C LEU B 61 27.47 -10.04 1.56
N ASP B 62 28.06 -10.92 2.36
CA ASP B 62 29.44 -11.30 2.15
C ASP B 62 29.58 -11.83 0.72
N GLY B 63 30.53 -11.27 -0.02
CA GLY B 63 30.77 -11.68 -1.39
C GLY B 63 29.94 -11.02 -2.48
N VAL B 64 28.89 -10.28 -2.11
CA VAL B 64 28.10 -9.61 -3.12
C VAL B 64 28.93 -8.47 -3.74
N THR B 65 28.92 -8.36 -5.06
CA THR B 65 29.70 -7.31 -5.74
C THR B 65 28.85 -6.22 -6.37
N HIS B 66 27.58 -6.52 -6.63
CA HIS B 66 26.68 -5.59 -7.29
C HIS B 66 25.34 -5.58 -6.59
N LEU B 67 24.76 -4.39 -6.47
CA LEU B 67 23.42 -4.25 -5.92
C LEU B 67 22.49 -3.71 -6.99
N LEU B 68 21.30 -4.29 -7.09
CA LEU B 68 20.24 -3.73 -7.92
C LEU B 68 19.00 -3.58 -7.06
N ILE B 69 18.43 -2.38 -7.07
CA ILE B 69 17.27 -2.07 -6.24
C ILE B 69 16.07 -1.71 -7.11
N SER B 70 15.03 -2.54 -7.06
CA SER B 70 13.82 -2.29 -7.84
C SER B 70 12.60 -1.96 -6.98
N THR B 71 12.72 -2.09 -5.66
CA THR B 71 11.54 -1.93 -4.82
CA THR B 71 11.60 -1.91 -4.73
C THR B 71 11.10 -0.47 -4.73
N ALA B 72 9.79 -0.28 -4.87
CA ALA B 72 9.23 1.06 -4.84
C ALA B 72 9.36 1.65 -3.44
N PRO B 73 9.52 2.98 -3.35
CA PRO B 73 9.59 3.67 -2.06
C PRO B 73 8.19 3.76 -1.48
N ASP B 74 8.10 3.95 -0.16
CA ASP B 74 6.82 4.26 0.45
C ASP B 74 6.94 5.61 1.13
N SER B 75 6.02 5.92 2.04
CA SER B 75 6.04 7.24 2.66
C SER B 75 7.28 7.49 3.52
N GLY B 76 8.09 6.46 3.77
CA GLY B 76 9.29 6.62 4.58
C GLY B 76 10.54 6.73 3.71
N GLY B 77 10.37 6.54 2.41
CA GLY B 77 11.50 6.54 1.51
C GLY B 77 11.78 5.12 1.05
N ASP B 78 13.04 4.74 1.11
CA ASP B 78 13.46 3.45 0.59
C ASP B 78 13.42 2.35 1.66
N PRO B 79 12.62 1.30 1.41
CA PRO B 79 12.44 0.25 2.41
C PRO B 79 13.70 -0.60 2.58
N VAL B 80 14.50 -0.71 1.54
CA VAL B 80 15.73 -1.51 1.66
C VAL B 80 16.74 -0.83 2.59
N LEU B 81 16.94 0.47 2.40
CA LEU B 81 17.78 1.26 3.30
C LEU B 81 17.23 1.31 4.73
N ALA B 82 15.90 1.34 4.88
CA ALA B 82 15.31 1.37 6.21
C ALA B 82 15.67 0.11 6.99
N ALA B 83 15.84 -1.00 6.27
CA ALA B 83 16.12 -2.30 6.89
C ALA B 83 17.60 -2.65 6.96
N LEU B 84 18.36 -2.25 5.94
CA LEU B 84 19.74 -2.72 5.80
C LEU B 84 20.76 -1.60 5.55
N GLY B 85 20.33 -0.35 5.70
CA GLY B 85 21.16 0.79 5.38
C GLY B 85 22.47 0.81 6.12
N ASP B 86 22.45 0.49 7.41
CA ASP B 86 23.67 0.48 8.20
C ASP B 86 24.65 -0.55 7.64
N GLN B 87 24.14 -1.74 7.32
CA GLN B 87 25.00 -2.80 6.78
C GLN B 87 25.54 -2.45 5.40
N ILE B 88 24.72 -1.83 4.57
CA ILE B 88 25.14 -1.46 3.23
C ILE B 88 26.22 -0.38 3.29
N ALA B 89 25.97 0.66 4.09
CA ALA B 89 26.95 1.73 4.25
C ALA B 89 28.29 1.18 4.74
N ALA B 90 28.22 0.24 5.67
CA ALA B 90 29.43 -0.33 6.25
C ALA B 90 30.22 -1.15 5.23
N ARG B 91 29.51 -1.67 4.23
CA ARG B 91 30.15 -2.52 3.22
C ARG B 91 30.36 -1.78 1.89
N ALA B 92 30.18 -0.46 1.90
CA ALA B 92 30.27 0.34 0.67
C ALA B 92 31.46 -0.05 -0.21
N ALA B 93 32.63 -0.16 0.40
CA ALA B 93 33.86 -0.39 -0.35
C ALA B 93 33.91 -1.72 -1.10
N GLN B 94 33.03 -2.66 -0.76
CA GLN B 94 33.08 -3.97 -1.39
C GLN B 94 32.34 -4.02 -2.74
N PHE B 95 31.42 -3.09 -2.96
CA PHE B 95 30.61 -3.10 -4.16
C PHE B 95 31.32 -2.43 -5.34
N ARG B 96 31.16 -3.00 -6.53
CA ARG B 96 31.67 -2.40 -7.75
C ARG B 96 30.65 -1.42 -8.29
N TRP B 97 29.38 -1.73 -8.06
CA TRP B 97 28.29 -1.06 -8.74
C TRP B 97 27.01 -1.24 -7.94
N VAL B 98 26.33 -0.13 -7.69
CA VAL B 98 24.98 -0.15 -7.11
C VAL B 98 24.07 0.60 -8.08
N GLY B 99 22.97 -0.03 -8.45
CA GLY B 99 22.00 0.61 -9.33
C GLY B 99 20.65 0.72 -8.64
N TYR B 100 20.15 1.96 -8.55
CA TYR B 100 18.81 2.21 -8.02
C TYR B 100 17.84 2.57 -9.15
N LEU B 101 16.74 1.83 -9.25
CA LEU B 101 15.76 2.11 -10.29
C LEU B 101 14.78 3.16 -9.78
N SER B 102 14.81 4.32 -10.43
CA SER B 102 13.93 5.43 -10.07
C SER B 102 12.89 5.65 -11.18
N THR B 103 12.23 6.81 -11.16
CA THR B 103 11.26 7.15 -12.20
C THR B 103 11.38 8.62 -12.59
N THR B 104 10.74 8.99 -13.69
CA THR B 104 10.74 10.38 -14.14
C THR B 104 9.76 11.25 -13.36
N ALA B 105 8.99 10.67 -12.44
CA ALA B 105 8.03 11.50 -11.68
C ALA B 105 8.74 12.49 -10.75
N VAL B 106 10.06 12.32 -10.60
CA VAL B 106 10.86 13.24 -9.80
C VAL B 106 10.86 14.67 -10.38
N TYR B 107 10.55 14.83 -11.66
CA TYR B 107 10.68 16.12 -12.33
C TYR B 107 9.47 17.01 -12.10
N GLY B 108 8.31 16.38 -12.03
CA GLY B 108 7.08 17.12 -11.85
C GLY B 108 6.55 17.69 -13.16
N ASP B 109 5.79 18.77 -13.05
CA ASP B 109 5.11 19.33 -14.21
C ASP B 109 5.88 20.47 -14.88
N HIS B 110 6.08 20.34 -16.18
CA HIS B 110 6.84 21.34 -16.96
C HIS B 110 6.08 21.82 -18.19
N ASP B 111 4.75 21.65 -18.15
CA ASP B 111 3.86 21.98 -19.25
C ASP B 111 4.38 21.54 -20.63
N GLY B 112 4.99 20.37 -20.69
CA GLY B 112 5.45 19.84 -21.96
C GLY B 112 6.89 20.15 -22.35
N ALA B 113 7.54 21.05 -21.61
CA ALA B 113 8.90 21.46 -21.92
C ALA B 113 9.83 20.29 -21.66
N TRP B 114 11.04 20.36 -22.23
CA TRP B 114 12.05 19.30 -22.09
C TRP B 114 12.87 19.41 -20.81
N VAL B 115 13.08 18.28 -20.14
CA VAL B 115 13.90 18.27 -18.95
C VAL B 115 15.04 17.30 -19.17
N ASP B 116 16.10 17.44 -18.38
CA ASP B 116 17.21 16.50 -18.44
C ASP B 116 17.71 16.13 -17.04
N GLU B 117 18.80 15.39 -16.95
CA GLU B 117 19.29 14.96 -15.63
C GLU B 117 19.71 16.11 -14.69
N THR B 118 19.79 17.32 -15.21
CA THR B 118 20.26 18.46 -14.42
C THR B 118 19.09 19.31 -13.96
N THR B 119 17.91 19.01 -14.51
CA THR B 119 16.70 19.73 -14.14
C THR B 119 16.36 19.53 -12.65
N PRO B 120 16.00 20.61 -11.95
CA PRO B 120 15.66 20.47 -10.53
C PRO B 120 14.42 19.60 -10.33
N LEU B 121 14.36 18.93 -9.18
CA LEU B 121 13.26 18.02 -8.90
C LEU B 121 12.12 18.74 -8.19
N THR B 122 10.95 18.72 -8.82
CA THR B 122 9.78 19.42 -8.29
C THR B 122 8.54 18.55 -8.43
N PRO B 123 8.55 17.36 -7.81
CA PRO B 123 7.38 16.48 -7.93
C PRO B 123 6.15 17.14 -7.35
N THR B 124 4.98 16.91 -7.94
CA THR B 124 3.74 17.48 -7.38
C THR B 124 2.84 16.40 -6.80
N ALA B 125 3.29 15.15 -6.86
CA ALA B 125 2.52 14.01 -6.38
C ALA B 125 3.26 13.24 -5.26
N ALA B 126 2.49 12.53 -4.45
CA ALA B 126 3.03 11.79 -3.33
C ALA B 126 4.14 10.84 -3.76
N ARG B 127 3.89 10.07 -4.81
CA ARG B 127 4.89 9.12 -5.30
C ARG B 127 6.17 9.79 -5.76
N GLY B 128 6.04 10.94 -6.43
CA GLY B 128 7.19 11.70 -6.86
C GLY B 128 8.02 12.19 -5.67
N ARG B 129 7.34 12.75 -4.67
CA ARG B 129 8.02 13.12 -3.44
C ARG B 129 8.77 11.92 -2.81
N TRP B 130 8.12 10.76 -2.74
CA TRP B 130 8.76 9.61 -2.11
C TRP B 130 9.93 9.16 -2.93
N ARG B 131 9.83 9.30 -4.25
CA ARG B 131 10.91 8.84 -5.13
C ARG B 131 12.13 9.75 -4.97
N VAL B 132 11.88 11.04 -4.82
CA VAL B 132 12.97 11.98 -4.59
C VAL B 132 13.63 11.65 -3.26
N MSE B 133 12.82 11.33 -2.26
CA MSE B 133 13.31 10.99 -0.94
C MSE B 133 14.23 9.80 -1.04
O MSE B 133 15.31 9.81 -0.50
CB MSE B 133 12.18 10.68 0.02
CG MSE B 133 12.65 10.11 1.38
SE MSE B 133 11.31 10.45 2.77
CE MSE B 133 9.68 10.18 1.72
N ALA B 134 13.76 8.76 -1.72
CA ALA B 134 14.56 7.52 -1.86
C ALA B 134 15.87 7.77 -2.58
N GLU B 135 15.85 8.53 -3.66
CA GLU B 135 17.09 8.87 -4.36
C GLU B 135 18.06 9.54 -3.39
N GLN B 136 17.58 10.52 -2.64
CA GLN B 136 18.43 11.24 -1.71
C GLN B 136 18.99 10.33 -0.63
N GLN B 137 18.24 9.31 -0.24
CA GLN B 137 18.66 8.43 0.82
C GLN B 137 19.80 7.59 0.28
N TRP B 138 19.65 7.10 -0.94
CA TRP B 138 20.73 6.31 -1.57
C TRP B 138 21.97 7.18 -1.83
N GLN B 139 21.74 8.40 -2.28
CA GLN B 139 22.83 9.34 -2.58
CA GLN B 139 22.84 9.32 -2.58
C GLN B 139 23.61 9.72 -1.32
N ALA B 140 22.99 9.50 -0.16
CA ALA B 140 23.57 9.90 1.12
C ALA B 140 24.49 8.84 1.73
N VAL B 141 24.43 7.63 1.19
CA VAL B 141 25.31 6.55 1.64
C VAL B 141 26.74 6.88 1.20
N PRO B 142 27.63 7.07 2.18
CA PRO B 142 28.97 7.56 1.86
C PRO B 142 29.75 6.57 1.01
N ASN B 143 30.38 7.05 -0.06
CA ASN B 143 31.34 6.26 -0.83
C ASN B 143 30.76 5.04 -1.55
N LEU B 144 29.45 5.06 -1.79
CA LEU B 144 28.81 3.98 -2.52
C LEU B 144 28.87 4.27 -4.02
N PRO B 145 29.22 3.26 -4.84
CA PRO B 145 29.29 3.48 -6.30
C PRO B 145 27.90 3.46 -6.91
N LEU B 146 27.11 4.48 -6.57
CA LEU B 146 25.68 4.53 -6.87
C LEU B 146 25.38 5.07 -8.27
N HIS B 147 24.48 4.41 -8.95
CA HIS B 147 23.95 4.89 -10.23
C HIS B 147 22.44 4.91 -10.17
N VAL B 148 21.85 6.00 -10.62
CA VAL B 148 20.40 6.17 -10.55
C VAL B 148 19.81 6.20 -11.96
N PHE B 149 18.80 5.35 -12.18
CA PHE B 149 18.15 5.27 -13.48
C PHE B 149 16.70 5.67 -13.38
N ARG B 150 16.38 6.84 -13.92
CA ARG B 150 15.01 7.36 -13.89
C ARG B 150 14.25 6.78 -15.07
N LEU B 151 13.47 5.75 -14.80
CA LEU B 151 12.76 5.01 -15.84
C LEU B 151 11.47 5.69 -16.26
N ALA B 152 11.19 5.64 -17.56
CA ALA B 152 9.91 6.07 -18.11
C ALA B 152 8.92 4.94 -17.91
N GLY B 153 7.69 5.12 -18.41
CA GLY B 153 6.70 4.05 -18.37
C GLY B 153 7.26 2.85 -19.11
N ILE B 154 7.22 1.69 -18.46
CA ILE B 154 7.86 0.49 -18.99
C ILE B 154 6.85 -0.35 -19.78
N TYR B 155 7.29 -0.88 -20.91
CA TYR B 155 6.47 -1.82 -21.68
C TYR B 155 7.37 -2.90 -22.27
N GLY B 156 6.76 -3.96 -22.79
CA GLY B 156 7.49 -5.10 -23.31
C GLY B 156 6.58 -6.33 -23.26
N PRO B 157 7.17 -7.51 -23.48
CA PRO B 157 6.40 -8.76 -23.45
C PRO B 157 5.58 -8.92 -22.18
N GLY B 158 4.26 -9.03 -22.31
CA GLY B 158 3.37 -9.25 -21.19
C GLY B 158 3.05 -7.98 -20.43
N ARG B 159 3.44 -6.84 -21.00
CA ARG B 159 3.24 -5.55 -20.35
C ARG B 159 3.00 -4.49 -21.42
N GLY B 160 1.85 -4.57 -22.06
CA GLY B 160 1.50 -3.65 -23.13
C GLY B 160 0.32 -2.75 -22.78
N PRO B 161 -0.14 -1.96 -23.76
CA PRO B 161 -1.25 -1.00 -23.60
C PRO B 161 -2.53 -1.69 -23.12
N PHE B 162 -2.79 -2.86 -23.68
CA PHE B 162 -3.98 -3.64 -23.36
C PHE B 162 -3.88 -4.34 -22.00
N GLY B 168 -10.46 -5.16 -19.75
CA GLY B 168 -11.55 -4.25 -19.47
C GLY B 168 -11.83 -3.29 -20.61
N GLY B 169 -12.53 -2.20 -20.30
CA GLY B 169 -12.87 -1.20 -21.31
C GLY B 169 -11.69 -0.35 -21.73
N ILE B 170 -11.52 -0.18 -23.04
CA ILE B 170 -10.43 0.63 -23.56
C ILE B 170 -10.97 1.95 -24.08
N ARG B 171 -10.36 3.05 -23.67
CA ARG B 171 -10.78 4.38 -24.09
C ARG B 171 -9.58 5.24 -24.47
N ARG B 172 -9.79 6.21 -25.36
CA ARG B 172 -8.76 7.18 -25.67
C ARG B 172 -9.03 8.47 -24.94
N ILE B 173 -8.23 8.74 -23.91
CA ILE B 173 -8.37 9.96 -23.13
C ILE B 173 -7.58 11.10 -23.76
N ILE B 174 -8.28 12.16 -24.16
CA ILE B 174 -7.63 13.28 -24.83
C ILE B 174 -7.46 14.47 -23.90
N LYS B 175 -6.26 14.63 -23.35
CA LYS B 175 -5.91 15.89 -22.70
C LYS B 175 -4.98 16.67 -23.63
N PRO B 176 -5.42 17.85 -24.06
CA PRO B 176 -4.66 18.62 -25.05
C PRO B 176 -3.23 18.89 -24.60
N GLY B 177 -2.26 18.47 -25.41
CA GLY B 177 -0.87 18.75 -25.16
C GLY B 177 -0.16 17.64 -24.38
N GLN B 178 -0.93 16.72 -23.82
CA GLN B 178 -0.37 15.69 -22.95
C GLN B 178 0.45 14.63 -23.70
N VAL B 179 1.63 14.34 -23.20
CA VAL B 179 2.44 13.20 -23.67
C VAL B 179 2.96 12.42 -22.47
N PHE B 180 3.46 11.20 -22.69
CA PHE B 180 4.05 10.41 -21.63
C PHE B 180 5.29 9.80 -22.23
N SER B 181 6.24 9.43 -21.37
CA SER B 181 7.46 8.79 -21.82
C SER B 181 7.38 7.29 -21.67
N ARG B 182 8.04 6.56 -22.55
CA ARG B 182 7.97 5.11 -22.51
C ARG B 182 9.36 4.56 -22.74
N ILE B 183 9.58 3.33 -22.29
CA ILE B 183 10.83 2.63 -22.53
C ILE B 183 10.57 1.12 -22.58
N HIS B 184 11.18 0.46 -23.57
CA HIS B 184 10.99 -0.98 -23.72
C HIS B 184 11.96 -1.70 -22.77
N VAL B 185 11.44 -2.71 -22.08
CA VAL B 185 12.15 -3.32 -20.97
C VAL B 185 13.51 -3.82 -21.45
N GLU B 186 13.61 -4.16 -22.73
CA GLU B 186 14.87 -4.74 -23.23
C GLU B 186 15.96 -3.66 -23.38
N ASP B 187 15.51 -2.43 -23.54
CA ASP B 187 16.43 -1.30 -23.59
C ASP B 187 16.88 -0.85 -22.20
N ILE B 188 16.06 -1.10 -21.17
CA ILE B 188 16.52 -0.91 -19.81
C ILE B 188 17.66 -1.91 -19.54
N ALA B 189 17.44 -3.14 -19.93
CA ALA B 189 18.47 -4.18 -19.82
C ALA B 189 19.79 -3.75 -20.45
N GLN B 190 19.71 -3.13 -21.62
CA GLN B 190 20.88 -2.59 -22.30
C GLN B 190 21.57 -1.51 -21.47
N VAL B 191 20.78 -0.59 -20.92
CA VAL B 191 21.36 0.51 -20.22
C VAL B 191 22.03 0.08 -18.94
N LEU B 192 21.42 -0.89 -18.25
CA LEU B 192 21.91 -1.30 -16.96
C LEU B 192 23.21 -2.05 -17.19
N ALA B 193 23.20 -2.91 -18.19
CA ALA B 193 24.40 -3.66 -18.54
C ALA B 193 25.54 -2.73 -18.95
N ALA B 194 25.21 -1.66 -19.68
CA ALA B 194 26.22 -0.70 -20.12
C ALA B 194 26.79 0.10 -18.95
N SER B 195 25.93 0.52 -18.03
CA SER B 195 26.40 1.20 -16.83
C SER B 195 27.37 0.32 -16.03
N MSE B 196 27.05 -0.97 -15.92
CA MSE B 196 27.86 -1.89 -15.15
C MSE B 196 29.25 -2.01 -15.77
O MSE B 196 30.21 -2.32 -15.08
CB MSE B 196 27.20 -3.27 -15.07
CG MSE B 196 25.89 -3.28 -14.30
SE MSE B 196 24.96 -4.99 -14.41
CE MSE B 196 23.21 -4.40 -13.81
N ALA B 197 29.33 -1.74 -17.07
CA ALA B 197 30.61 -1.90 -17.79
C ALA B 197 31.44 -0.60 -17.75
N ARG B 198 30.75 0.51 -17.55
CA ARG B 198 31.37 1.83 -17.46
C ARG B 198 30.87 2.55 -16.22
N PRO B 199 31.27 2.08 -15.03
CA PRO B 199 30.76 2.69 -13.80
C PRO B 199 31.12 4.17 -13.70
N ASP B 200 30.22 4.95 -13.13
CA ASP B 200 30.43 6.38 -12.94
C ASP B 200 29.65 6.81 -11.69
N PRO B 201 30.21 6.52 -10.51
CA PRO B 201 29.59 6.75 -9.20
C PRO B 201 28.92 8.12 -9.10
N GLY B 202 27.67 8.14 -8.68
CA GLY B 202 26.94 9.40 -8.55
C GLY B 202 26.08 9.72 -9.76
N ALA B 203 26.39 9.11 -10.89
CA ALA B 203 25.70 9.40 -12.16
C ALA B 203 24.19 9.15 -12.10
N VAL B 204 23.43 10.07 -12.69
CA VAL B 204 21.99 9.89 -12.91
C VAL B 204 21.69 9.78 -14.40
N TYR B 205 20.86 8.81 -14.79
CA TYR B 205 20.52 8.62 -16.20
C TYR B 205 19.02 8.54 -16.42
N ASN B 206 18.51 9.34 -17.35
CA ASN B 206 17.13 9.20 -17.80
C ASN B 206 17.03 8.01 -18.75
N VAL B 207 16.13 7.08 -18.46
CA VAL B 207 15.96 5.92 -19.32
C VAL B 207 14.60 5.93 -20.00
N CYS B 208 14.56 6.56 -21.18
CA CYS B 208 13.36 6.63 -21.98
C CYS B 208 13.71 6.61 -23.47
N ASP B 209 12.71 6.42 -24.31
CA ASP B 209 12.96 6.39 -25.76
C ASP B 209 12.94 7.79 -26.37
N ASP B 210 13.00 7.83 -27.70
CA ASP B 210 13.17 9.09 -28.41
C ASP B 210 11.88 9.88 -28.62
N GLU B 211 10.73 9.27 -28.33
CA GLU B 211 9.46 9.87 -28.71
C GLU B 211 8.38 9.96 -27.61
N PRO B 212 8.38 11.06 -26.84
CA PRO B 212 7.25 11.42 -25.98
C PRO B 212 5.99 11.33 -26.82
N VAL B 213 4.99 10.61 -26.34
CA VAL B 213 3.85 10.24 -27.16
C VAL B 213 2.54 10.43 -26.40
N PRO B 214 1.53 11.01 -27.07
CA PRO B 214 0.22 11.09 -26.40
C PRO B 214 -0.28 9.69 -26.06
N PRO B 215 -0.89 9.53 -24.89
CA PRO B 215 -1.35 8.19 -24.48
C PRO B 215 -2.38 7.63 -25.47
N GLN B 216 -3.22 8.50 -26.03
CA GLN B 216 -4.20 8.06 -27.02
C GLN B 216 -3.58 7.47 -28.29
N ASP B 217 -2.37 7.90 -28.62
CA ASP B 217 -1.69 7.44 -29.82
C ASP B 217 -1.18 6.03 -29.65
N VAL B 218 -0.71 5.72 -28.44
CA VAL B 218 -0.28 4.36 -28.13
C VAL B 218 -1.45 3.39 -28.18
N ILE B 219 -2.59 3.82 -27.64
CA ILE B 219 -3.81 3.02 -27.62
C ILE B 219 -4.34 2.76 -29.03
N ALA B 220 -4.29 3.80 -29.87
CA ALA B 220 -4.76 3.66 -31.25
C ALA B 220 -3.84 2.74 -32.04
N TYR B 221 -2.54 2.95 -31.93
CA TYR B 221 -1.61 2.13 -32.68
C TYR B 221 -1.73 0.67 -32.26
N ALA B 222 -1.92 0.44 -30.96
CA ALA B 222 -2.04 -0.93 -30.45
C ALA B 222 -3.27 -1.63 -30.99
N ALA B 223 -4.40 -0.92 -31.00
CA ALA B 223 -5.64 -1.45 -31.55
C ALA B 223 -5.48 -1.81 -33.02
N GLU B 224 -4.91 -0.88 -33.79
CA GLU B 224 -4.67 -1.10 -35.22
C GLU B 224 -3.81 -2.34 -35.47
N LEU B 225 -2.72 -2.49 -34.71
CA LEU B 225 -1.82 -3.62 -34.87
C LEU B 225 -2.51 -4.96 -34.61
N GLN B 226 -3.52 -4.94 -33.74
CA GLN B 226 -4.23 -6.15 -33.36
C GLN B 226 -5.52 -6.36 -34.17
N GLY B 227 -5.76 -5.47 -35.13
CA GLY B 227 -6.95 -5.54 -35.95
C GLY B 227 -8.23 -5.19 -35.19
N LEU B 228 -8.06 -4.66 -33.98
CA LEU B 228 -9.18 -4.32 -33.12
C LEU B 228 -9.75 -2.98 -33.52
N PRO B 229 -11.03 -2.74 -33.19
CA PRO B 229 -11.63 -1.45 -33.53
C PRO B 229 -11.03 -0.31 -32.72
N LEU B 230 -10.97 0.87 -33.33
CA LEU B 230 -10.51 2.08 -32.65
C LEU B 230 -11.41 2.41 -31.46
N PRO B 231 -10.82 2.47 -30.25
CA PRO B 231 -11.59 2.83 -29.05
C PRO B 231 -12.12 4.24 -29.14
N PRO B 232 -13.21 4.53 -28.41
CA PRO B 232 -13.81 5.87 -28.40
C PRO B 232 -12.96 6.90 -27.64
N ALA B 233 -13.04 8.15 -28.06
CA ALA B 233 -12.27 9.23 -27.43
C ALA B 233 -13.14 10.13 -26.55
N VAL B 234 -12.57 10.59 -25.45
CA VAL B 234 -13.28 11.46 -24.52
C VAL B 234 -12.40 12.60 -24.04
N ASP B 235 -12.95 13.80 -24.05
CA ASP B 235 -12.22 14.97 -23.55
C ASP B 235 -11.81 14.71 -22.11
N PHE B 236 -10.57 15.06 -21.77
CA PHE B 236 -10.04 14.81 -20.44
C PHE B 236 -11.00 15.22 -19.30
N ASP B 237 -11.55 16.43 -19.39
CA ASP B 237 -12.34 16.95 -18.29
C ASP B 237 -13.70 16.28 -18.13
N LYS B 238 -14.02 15.32 -19.00
CA LYS B 238 -15.22 14.51 -18.83
C LYS B 238 -14.84 13.05 -18.65
N ALA B 239 -13.55 12.80 -18.53
CA ALA B 239 -13.04 11.45 -18.42
C ALA B 239 -13.31 10.88 -17.04
N ASP B 240 -13.53 9.57 -16.98
CA ASP B 240 -13.75 8.89 -15.73
C ASP B 240 -12.48 8.16 -15.32
N LEU B 241 -11.68 8.80 -14.46
CA LEU B 241 -10.34 8.31 -14.15
C LEU B 241 -10.16 7.94 -12.67
N THR B 242 -9.19 7.08 -12.41
CA THR B 242 -8.78 6.77 -11.04
C THR B 242 -7.84 7.86 -10.54
N PRO B 243 -7.65 7.95 -9.22
CA PRO B 243 -6.73 8.92 -8.62
C PRO B 243 -5.32 8.83 -9.20
N MSE B 244 -4.77 7.63 -9.31
CA MSE B 244 -3.43 7.44 -9.84
CA MSE B 244 -3.44 7.44 -9.84
C MSE B 244 -3.35 7.91 -11.29
O MSE B 244 -2.35 8.50 -11.70
CB MSE B 244 -3.00 5.97 -9.73
CB MSE B 244 -3.01 5.97 -9.75
CG MSE B 244 -1.50 5.74 -9.83
CG MSE B 244 -1.78 5.63 -10.58
SE MSE B 244 -0.59 5.80 -8.10
SE MSE B 244 -0.98 3.91 -10.14
CE MSE B 244 1.21 5.24 -8.66
CE MSE B 244 -0.19 4.37 -8.41
N ALA B 245 -4.42 7.65 -12.05
CA ALA B 245 -4.47 8.06 -13.44
C ALA B 245 -4.54 9.58 -13.56
N ARG B 246 -5.46 10.19 -12.83
CA ARG B 246 -5.60 11.64 -12.84
C ARG B 246 -4.29 12.30 -12.41
N SER B 247 -3.55 11.64 -11.52
CA SER B 247 -2.28 12.14 -11.03
C SER B 247 -1.17 12.11 -12.09
N PHE B 248 -1.19 11.07 -12.93
CA PHE B 248 -0.27 11.00 -14.06
C PHE B 248 -0.56 12.11 -15.08
N TYR B 249 -1.83 12.43 -15.27
CA TYR B 249 -2.22 13.49 -16.20
C TYR B 249 -2.00 14.89 -15.63
N SER B 250 -1.67 14.97 -14.34
CA SER B 250 -1.48 16.27 -13.71
C SER B 250 -0.11 16.87 -14.01
N GLU B 251 0.77 16.08 -14.62
CA GLU B 251 2.11 16.52 -14.97
C GLU B 251 2.41 16.20 -16.43
N ASN B 252 3.14 17.10 -17.07
CA ASN B 252 3.50 16.95 -18.48
C ASN B 252 4.93 17.41 -18.72
N LYS B 253 5.76 16.56 -19.30
CA LYS B 253 7.08 17.03 -19.63
C LYS B 253 7.69 16.05 -20.64
N ARG B 254 8.79 16.45 -21.26
CA ARG B 254 9.45 15.61 -22.24
C ARG B 254 10.86 15.37 -21.72
N VAL B 255 11.33 14.13 -21.80
CA VAL B 255 12.53 13.79 -21.06
C VAL B 255 13.68 13.39 -21.99
N ARG B 256 14.78 14.13 -21.93
CA ARG B 256 15.96 13.84 -22.75
C ARG B 256 16.64 12.56 -22.33
N ASN B 257 17.15 11.84 -23.32
CA ASN B 257 17.91 10.61 -23.07
C ASN B 257 19.31 10.67 -23.66
N ASP B 258 19.86 11.87 -23.75
CA ASP B 258 21.18 12.00 -24.37
C ASP B 258 22.29 11.28 -23.59
N ARG B 259 22.21 11.28 -22.27
CA ARG B 259 23.29 10.72 -21.46
CA ARG B 259 23.30 10.73 -21.48
C ARG B 259 23.53 9.24 -21.74
N ILE B 260 22.46 8.46 -21.81
CA ILE B 260 22.62 7.02 -22.01
C ILE B 260 23.27 6.72 -23.37
N LYS B 261 23.01 7.57 -24.36
CA LYS B 261 23.59 7.39 -25.68
C LYS B 261 25.04 7.86 -25.74
N GLU B 262 25.26 9.10 -25.30
CA GLU B 262 26.57 9.73 -25.45
C GLU B 262 27.62 9.27 -24.44
N GLU B 263 27.19 8.90 -23.23
CA GLU B 263 28.13 8.46 -22.20
C GLU B 263 28.23 6.93 -22.09
N LEU B 264 27.10 6.24 -22.17
CA LEU B 264 27.08 4.78 -22.04
C LEU B 264 27.19 4.02 -23.38
N GLY B 265 27.13 4.76 -24.48
CA GLY B 265 27.19 4.17 -25.81
C GLY B 265 26.00 3.31 -26.18
N VAL B 266 24.84 3.63 -25.62
CA VAL B 266 23.63 2.86 -25.90
C VAL B 266 22.99 3.26 -27.23
N ARG B 267 22.58 2.25 -27.99
CA ARG B 267 21.74 2.47 -29.16
C ARG B 267 20.43 1.74 -28.91
N LEU B 268 19.35 2.49 -28.76
CA LEU B 268 18.08 1.87 -28.43
C LEU B 268 17.66 0.87 -29.49
N LYS B 269 17.21 -0.31 -29.04
CA LYS B 269 16.62 -1.31 -29.93
C LYS B 269 15.28 -0.82 -30.45
N TYR B 270 14.52 -0.15 -29.58
CA TYR B 270 13.21 0.34 -29.94
C TYR B 270 13.07 1.81 -29.58
N PRO B 271 13.54 2.69 -30.48
CA PRO B 271 13.57 4.14 -30.29
C PRO B 271 12.22 4.79 -30.11
N ASN B 272 11.14 4.12 -30.50
CA ASN B 272 9.81 4.69 -30.35
C ASN B 272 8.73 3.62 -30.17
N TYR B 273 7.58 4.04 -29.66
CA TYR B 273 6.50 3.12 -29.33
C TYR B 273 5.97 2.31 -30.51
N ARG B 274 6.10 2.85 -31.73
CA ARG B 274 5.57 2.15 -32.89
C ARG B 274 6.43 0.94 -33.18
N VAL B 275 7.74 1.13 -33.28
CA VAL B 275 8.63 0.00 -33.59
C VAL B 275 8.66 -1.01 -32.45
N GLY B 276 8.46 -0.51 -31.23
CA GLY B 276 8.30 -1.35 -30.05
C GLY B 276 7.07 -2.21 -30.15
N LEU B 277 5.91 -1.58 -30.36
CA LEU B 277 4.67 -2.33 -30.48
C LEU B 277 4.63 -3.28 -31.68
N GLU B 278 5.29 -2.91 -32.78
CA GLU B 278 5.34 -3.73 -33.97
C GLU B 278 6.10 -5.02 -33.71
N ALA B 279 7.18 -4.91 -32.95
CA ALA B 279 7.99 -6.08 -32.63
C ALA B 279 7.23 -7.01 -31.71
N LEU B 280 6.44 -6.42 -30.81
CA LEU B 280 5.62 -7.21 -29.90
C LEU B 280 4.50 -7.93 -30.64
N GLN B 281 3.83 -7.20 -31.53
CA GLN B 281 2.78 -7.79 -32.35
C GLN B 281 3.31 -8.91 -33.24
N ALA B 282 4.50 -8.70 -33.81
CA ALA B 282 5.11 -9.68 -34.71
C ALA B 282 5.44 -10.99 -34.03
N ASP B 283 5.67 -10.94 -32.71
CA ASP B 283 5.98 -12.13 -31.94
C ASP B 283 4.71 -12.82 -31.46
N ALA B 284 3.59 -12.11 -31.52
CA ALA B 284 2.30 -12.68 -31.13
C ALA B 284 1.48 -13.09 -32.34
N GLU B 285 1.94 -12.72 -33.53
CA GLU B 285 1.17 -12.93 -34.75
C GLU B 285 1.09 -14.40 -35.17
N THR B 286 2.24 -15.05 -35.32
CA THR B 286 2.27 -16.42 -35.81
C THR B 286 1.82 -17.41 -34.73
C FMT C . 8.06 -9.88 31.30
O1 FMT C . 7.53 -8.83 31.67
O2 FMT C . 8.84 -9.97 30.35
C FMT D . -8.88 -0.40 27.27
O1 FMT D . -9.17 0.67 27.79
O2 FMT D . -7.88 -0.61 26.59
C1 EDO E . -19.94 -10.32 22.29
O1 EDO E . -18.96 -11.42 22.13
C2 EDO E . -19.87 -9.58 23.60
O2 EDO E . -19.98 -8.23 23.95
#